data_5N7P
#
_entry.id   5N7P
#
_cell.length_a   58.500
_cell.length_b   72.741
_cell.length_c   108.731
_cell.angle_alpha   90.00
_cell.angle_beta   90.00
_cell.angle_gamma   90.00
#
_symmetry.space_group_name_H-M   'P 21 21 21'
#
loop_
_entity.id
_entity.type
_entity.pdbx_description
1 polymer 'cAMP-dependent protein kinase catalytic subunit alpha'
2 polymer 'cAMP dependent protein kinase inhibitor alpha-like protein'
3 non-polymer 5-azanyl-3-pyrrolidin-1-yl-1~{H}-pyrazole-4-carbonitrile
4 non-polymer (4S)-2-METHYL-2,4-PENTANEDIOL
5 water water
#
loop_
_entity_poly.entity_id
_entity_poly.type
_entity_poly.pdbx_seq_one_letter_code
_entity_poly.pdbx_strand_id
1 'polypeptide(L)'
;GHMGNAAAAKKG(SEP)EQESVKEFLAKAKEEFLKKWESPSQNTAQLDHFDRIKTLGTGSFGRVMLVKHKETGNHYAMKI
LDKQKVVKLKQIEHTLNEKRILQAVNFPFLVKLEFSFKDNSNLYMVMEYVPGGEMFSHLRRIGRFSEPHARFYAAQIVLT
FEYLHSLDLIYRDLKPENLLIDQQGYIQVTDFGFAKRVKGRTW(TPO)LCGTPEYLAPEIILSKGYNKAVDWWALGVLIY
EMAAGYPPFFADQPIQIYEKIVSGKVRFPSHFSSDLKDLLRNLLQVDLTKRFGNLKNGVNDIKNHKWFATTDWIAIYQRK
VEAPFIPKFKGPGDTSNFDDYEEEEIRV(SEP)INEKCGKEFTEF
;
A
2 'polypeptide(L)' IAAGRTGRRQAIHDILVAA B
#
loop_
_chem_comp.id
_chem_comp.type
_chem_comp.name
_chem_comp.formula
E9Q non-polymer 5-azanyl-3-pyrrolidin-1-yl-1~{H}-pyrazole-4-carbonitrile 'C8 H11 N5'
MPD non-polymer (4S)-2-METHYL-2,4-PENTANEDIOL 'C6 H14 O2'
#
# COMPACT_ATOMS: atom_id res chain seq x y z
N GLY A 1 21.61 -4.87 30.42
CA GLY A 1 20.74 -5.14 29.24
C GLY A 1 21.16 -4.27 28.07
N HIS A 2 20.40 -4.29 26.97
CA HIS A 2 20.75 -3.46 25.83
C HIS A 2 20.48 -1.98 26.11
N MET A 3 19.42 -1.69 26.86
CA MET A 3 19.09 -0.31 27.21
C MET A 3 19.45 -0.03 28.65
N GLY A 4 19.92 1.19 28.91
CA GLY A 4 20.06 1.68 30.26
C GLY A 4 18.74 2.14 30.82
N ASN A 5 18.80 2.71 32.02
CA ASN A 5 17.60 3.10 32.75
C ASN A 5 16.76 4.12 31.96
N ALA A 6 17.37 5.24 31.57
CA ALA A 6 16.61 6.30 30.93
C ALA A 6 16.04 5.84 29.59
N ALA A 7 16.81 5.04 28.85
CA ALA A 7 16.36 4.57 27.54
C ALA A 7 15.17 3.63 27.67
N ALA A 8 15.25 2.69 28.62
CA ALA A 8 14.17 1.73 28.80
C ALA A 8 12.88 2.42 29.18
N ALA A 9 12.96 3.39 30.09
CA ALA A 9 11.77 4.12 30.53
C ALA A 9 11.18 4.97 29.42
N LYS A 10 12.03 5.61 28.61
CA LYS A 10 11.52 6.40 27.50
C LYS A 10 10.81 5.51 26.50
N LYS A 11 11.40 4.35 26.19
CA LYS A 11 10.76 3.44 25.24
C LYS A 11 9.43 2.93 25.76
N GLY A 12 9.35 2.56 27.02
CA GLY A 12 8.11 2.06 27.55
C GLY A 12 7.01 3.10 27.50
N SEP A 13 7.35 4.33 27.88
CA SEP A 13 6.38 5.41 27.83
CB SEP A 13 6.95 6.69 28.47
OG SEP A 13 6.15 7.81 28.14
C SEP A 13 5.94 5.66 26.39
O SEP A 13 4.75 5.86 26.14
P SEP A 13 6.02 8.94 29.28
O1P SEP A 13 7.49 9.46 29.59
O2P SEP A 13 5.05 10.03 28.65
O3P SEP A 13 5.40 8.32 30.62
H SEP A 13 8.12 4.56 28.16
HA SEP A 13 5.58 5.15 28.35
HB2 SEP A 13 7.85 6.82 28.13
HB3 SEP A 13 6.96 6.57 29.43
N GLU A 14 6.88 5.60 25.45
CA GLU A 14 6.55 5.76 24.03
C GLU A 14 5.56 4.70 23.58
N GLN A 15 5.77 3.45 24.02
CA GLN A 15 4.89 2.37 23.60
C GLN A 15 3.49 2.52 24.19
N GLU A 16 3.41 3.01 25.43
CA GLU A 16 2.09 3.26 26.01
C GLU A 16 1.37 4.37 25.27
N SER A 17 2.09 5.42 24.86
CA SER A 17 1.47 6.48 24.09
C SER A 17 0.97 5.99 22.75
N VAL A 18 1.68 5.03 22.13
CA VAL A 18 1.16 4.44 20.90
C VAL A 18 -0.19 3.78 21.15
N LYS A 19 -0.29 3.01 22.23
CA LYS A 19 -1.55 2.38 22.60
C LYS A 19 -2.66 3.40 22.72
N GLU A 20 -2.39 4.52 23.38
CA GLU A 20 -3.40 5.56 23.55
C GLU A 20 -3.82 6.15 22.20
N PHE A 21 -2.85 6.40 21.33
CA PHE A 21 -3.17 6.90 20.00
C PHE A 21 -4.04 5.91 19.23
N LEU A 22 -3.67 4.65 19.27
CA LEU A 22 -4.41 3.67 18.48
C LEU A 22 -5.82 3.49 19.00
N ALA A 23 -6.01 3.61 20.33
CA ALA A 23 -7.36 3.47 20.87
C ALA A 23 -8.25 4.58 20.37
N LYS A 24 -7.73 5.82 20.33
CA LYS A 24 -8.51 6.93 19.79
C LYS A 24 -8.72 6.78 18.29
N ALA A 25 -7.71 6.29 17.58
CA ALA A 25 -7.85 6.09 16.13
C ALA A 25 -8.92 5.06 15.83
N LYS A 26 -9.05 4.04 16.68
CA LYS A 26 -10.10 3.03 16.46
C LYS A 26 -11.47 3.62 16.67
N GLU A 27 -11.65 4.45 17.71
CA GLU A 27 -12.93 5.10 17.91
C GLU A 27 -13.30 5.93 16.68
N GLU A 28 -12.35 6.68 16.13
CA GLU A 28 -12.67 7.52 14.99
C GLU A 28 -13.00 6.69 13.77
N PHE A 29 -12.23 5.63 13.54
CA PHE A 29 -12.47 4.74 12.41
C PHE A 29 -13.86 4.13 12.47
N LEU A 30 -14.26 3.62 13.63
CA LEU A 30 -15.52 2.88 13.71
C LEU A 30 -16.72 3.79 13.46
N LYS A 31 -16.63 5.06 13.85
CA LYS A 31 -17.73 5.98 13.54
C LYS A 31 -17.94 6.10 12.04
N LYS A 32 -16.84 6.24 11.28
CA LYS A 32 -16.95 6.35 9.82
C LYS A 32 -17.26 5.01 9.16
N TRP A 33 -16.79 3.92 9.74
CA TRP A 33 -17.06 2.58 9.21
C TRP A 33 -18.53 2.22 9.37
N GLU A 34 -19.14 2.64 10.48
CA GLU A 34 -20.54 2.31 10.74
C GLU A 34 -21.49 3.10 9.87
N SER A 35 -21.09 4.28 9.38
CA SER A 35 -21.96 5.13 8.56
C SER A 35 -21.14 5.76 7.44
N PRO A 36 -20.94 5.04 6.34
CA PRO A 36 -20.10 5.56 5.26
C PRO A 36 -20.73 6.72 4.50
N SER A 37 -20.02 7.21 3.49
CA SER A 37 -20.51 8.24 2.58
C SER A 37 -20.56 7.69 1.17
N GLN A 38 -21.31 8.39 0.30
CA GLN A 38 -21.49 7.94 -1.07
C GLN A 38 -22.10 9.08 -1.88
N ASN A 39 -21.94 8.98 -3.20
CA ASN A 39 -22.59 9.90 -4.15
C ASN A 39 -22.27 11.35 -3.86
N THR A 40 -21.01 11.63 -3.54
CA THR A 40 -20.58 12.97 -3.17
C THR A 40 -20.11 13.81 -4.36
N ALA A 41 -20.31 13.34 -5.59
CA ALA A 41 -20.00 14.12 -6.79
C ALA A 41 -20.58 13.40 -8.01
N GLN A 42 -20.30 13.91 -9.20
CA GLN A 42 -20.69 13.25 -10.44
C GLN A 42 -19.66 13.56 -11.52
N LEU A 43 -19.73 12.81 -12.62
CA LEU A 43 -18.61 12.79 -13.56
C LEU A 43 -18.42 14.14 -14.23
N ASP A 44 -19.51 14.80 -14.60
CA ASP A 44 -19.41 16.10 -15.28
C ASP A 44 -18.88 17.21 -14.37
N HIS A 45 -18.59 16.92 -13.11
CA HIS A 45 -17.94 17.91 -12.25
C HIS A 45 -16.44 18.02 -12.52
N PHE A 46 -15.89 17.16 -13.37
CA PHE A 46 -14.45 17.08 -13.55
C PHE A 46 -14.09 17.11 -15.03
N ASP A 47 -13.00 17.80 -15.34
CA ASP A 47 -12.33 17.65 -16.62
C ASP A 47 -11.27 16.56 -16.51
N ARG A 48 -11.25 15.65 -17.49
CA ARG A 48 -10.27 14.57 -17.47
C ARG A 48 -9.05 15.00 -18.26
N ILE A 49 -7.88 14.89 -17.65
N ILE A 49 -7.87 14.85 -17.66
CA ILE A 49 -6.63 15.44 -18.20
CA ILE A 49 -6.64 15.44 -18.18
C ILE A 49 -5.78 14.35 -18.82
C ILE A 49 -5.73 14.38 -18.80
N LYS A 50 -5.42 13.33 -18.04
CA LYS A 50 -4.40 12.38 -18.49
C LYS A 50 -4.50 11.10 -17.67
N THR A 51 -4.19 9.98 -18.30
CA THR A 51 -4.12 8.72 -17.57
C THR A 51 -2.78 8.61 -16.83
N LEU A 52 -2.87 8.35 -15.53
CA LEU A 52 -1.71 8.23 -14.67
C LEU A 52 -1.26 6.79 -14.46
N GLY A 53 -2.14 5.84 -14.73
CA GLY A 53 -1.85 4.44 -14.51
C GLY A 53 -3.04 3.61 -14.93
N THR A 54 -2.78 2.34 -15.20
CA THR A 54 -3.82 1.42 -15.62
C THR A 54 -3.77 0.15 -14.79
N GLY A 55 -4.89 -0.57 -14.83
CA GLY A 55 -5.03 -1.85 -14.16
C GLY A 55 -6.06 -2.71 -14.86
N SER A 56 -6.39 -3.86 -14.28
CA SER A 56 -7.27 -4.80 -14.97
C SER A 56 -8.67 -4.24 -15.18
N PHE A 57 -9.16 -3.43 -14.25
CA PHE A 57 -10.57 -3.02 -14.25
C PHE A 57 -10.78 -1.62 -14.82
N GLY A 58 -9.71 -0.88 -15.11
CA GLY A 58 -9.84 0.48 -15.60
C GLY A 58 -8.56 1.28 -15.51
N ARG A 59 -8.64 2.51 -15.01
CA ARG A 59 -7.49 3.39 -15.02
C ARG A 59 -7.61 4.38 -13.87
N VAL A 60 -6.51 5.05 -13.59
CA VAL A 60 -6.48 6.22 -12.73
C VAL A 60 -6.12 7.42 -13.60
N MET A 61 -6.93 8.46 -13.53
CA MET A 61 -6.72 9.64 -14.35
C MET A 61 -6.52 10.87 -13.49
N LEU A 62 -5.63 11.74 -13.93
CA LEU A 62 -5.62 13.11 -13.44
C LEU A 62 -6.86 13.81 -13.93
N VAL A 63 -7.63 14.39 -13.01
CA VAL A 63 -8.81 15.16 -13.35
C VAL A 63 -8.72 16.51 -12.65
N LYS A 64 -9.44 17.48 -13.18
CA LYS A 64 -9.53 18.81 -12.62
C LYS A 64 -10.98 19.11 -12.29
N HIS A 65 -11.23 19.39 -11.02
CA HIS A 65 -12.58 19.79 -10.59
C HIS A 65 -12.94 21.13 -11.23
N LYS A 66 -14.07 21.17 -11.95
CA LYS A 66 -14.38 22.36 -12.74
C LYS A 66 -14.63 23.57 -11.84
N GLU A 67 -15.32 23.37 -10.71
CA GLU A 67 -15.74 24.52 -9.90
C GLU A 67 -14.59 25.09 -9.09
N THR A 68 -13.81 24.23 -8.43
CA THR A 68 -12.75 24.70 -7.54
C THR A 68 -11.40 24.80 -8.24
N GLY A 69 -11.22 24.10 -9.36
CA GLY A 69 -9.94 24.05 -10.02
C GLY A 69 -8.93 23.11 -9.38
N ASN A 70 -9.30 22.42 -8.31
CA ASN A 70 -8.41 21.49 -7.65
C ASN A 70 -8.17 20.27 -8.55
N HIS A 71 -6.94 19.76 -8.50
CA HIS A 71 -6.64 18.53 -9.22
C HIS A 71 -6.81 17.32 -8.29
N TYR A 72 -7.26 16.22 -8.88
CA TYR A 72 -7.46 14.97 -8.16
C TYR A 72 -7.03 13.80 -9.04
N ALA A 73 -6.85 12.64 -8.40
CA ALA A 73 -6.68 11.36 -9.08
C ALA A 73 -8.00 10.60 -9.02
N MET A 74 -8.54 10.24 -10.18
CA MET A 74 -9.83 9.54 -10.27
C MET A 74 -9.61 8.12 -10.75
N LYS A 75 -9.94 7.17 -9.90
CA LYS A 75 -9.91 5.75 -10.28
C LYS A 75 -11.25 5.39 -10.88
N ILE A 76 -11.22 4.85 -12.10
CA ILE A 76 -12.43 4.48 -12.84
C ILE A 76 -12.42 2.96 -12.98
N LEU A 77 -13.47 2.32 -12.49
CA LEU A 77 -13.63 0.87 -12.63
C LEU A 77 -14.84 0.57 -13.51
N ASP A 78 -14.61 -0.25 -14.53
CA ASP A 78 -15.66 -0.72 -15.43
C ASP A 78 -16.43 -1.81 -14.71
N LYS A 79 -17.70 -1.53 -14.38
CA LYS A 79 -18.48 -2.48 -13.58
C LYS A 79 -18.51 -3.86 -14.24
N GLN A 80 -18.60 -3.89 -15.58
CA GLN A 80 -18.64 -5.16 -16.28
C GLN A 80 -17.30 -5.90 -16.20
N LYS A 81 -16.18 -5.18 -16.07
CA LYS A 81 -14.89 -5.84 -15.90
C LYS A 81 -14.76 -6.44 -14.50
N VAL A 82 -15.47 -5.87 -13.52
CA VAL A 82 -15.43 -6.39 -12.17
C VAL A 82 -16.37 -7.59 -12.17
N VAL A 83 -15.90 -8.70 -12.73
CA VAL A 83 -16.76 -9.84 -13.09
C VAL A 83 -16.86 -10.85 -11.95
N LYS A 84 -15.71 -11.30 -11.48
CA LYS A 84 -15.63 -12.42 -10.53
C LYS A 84 -16.13 -12.01 -9.15
N LEU A 85 -16.60 -13.01 -8.40
CA LEU A 85 -17.19 -12.76 -7.09
C LEU A 85 -16.24 -11.97 -6.18
N LYS A 86 -14.98 -12.41 -6.10
N LYS A 86 -14.99 -12.40 -6.10
CA LYS A 86 -14.05 -11.73 -5.21
CA LYS A 86 -14.04 -11.72 -5.22
C LYS A 86 -13.64 -10.37 -5.77
C LYS A 86 -13.63 -10.37 -5.78
N GLN A 87 -13.71 -10.18 -7.09
CA GLN A 87 -13.46 -8.84 -7.64
C GLN A 87 -14.51 -7.84 -7.14
N ILE A 88 -15.78 -8.27 -7.08
CA ILE A 88 -16.87 -7.41 -6.61
C ILE A 88 -16.71 -7.06 -5.13
N GLU A 89 -16.56 -8.07 -4.28
CA GLU A 89 -16.44 -7.85 -2.84
C GLU A 89 -15.24 -6.96 -2.52
N HIS A 90 -14.16 -7.15 -3.26
CA HIS A 90 -12.94 -6.39 -3.05
C HIS A 90 -13.13 -4.91 -3.37
N THR A 91 -13.90 -4.59 -4.40
CA THR A 91 -14.18 -3.20 -4.73
C THR A 91 -15.01 -2.51 -3.66
N LEU A 92 -15.96 -3.22 -3.06
CA LEU A 92 -16.72 -2.64 -1.96
C LEU A 92 -15.85 -2.47 -0.72
N ASN A 93 -14.97 -3.43 -0.45
CA ASN A 93 -13.96 -3.26 0.61
C ASN A 93 -13.19 -1.97 0.41
N GLU A 94 -12.67 -1.77 -0.81
CA GLU A 94 -11.77 -0.66 -1.07
C GLU A 94 -12.43 0.66 -0.74
N LYS A 95 -13.65 0.89 -1.24
CA LYS A 95 -14.33 2.15 -1.01
C LYS A 95 -14.62 2.34 0.47
N ARG A 96 -15.16 1.31 1.12
CA ARG A 96 -15.57 1.49 2.51
C ARG A 96 -14.37 1.76 3.42
N ILE A 97 -13.25 1.07 3.18
CA ILE A 97 -12.08 1.29 4.00
C ILE A 97 -11.49 2.67 3.74
N LEU A 98 -11.37 3.04 2.48
CA LEU A 98 -10.74 4.33 2.18
C LEU A 98 -11.51 5.49 2.77
N GLN A 99 -12.85 5.40 2.76
CA GLN A 99 -13.61 6.51 3.30
C GLN A 99 -13.53 6.57 4.84
N ALA A 100 -13.09 5.50 5.50
CA ALA A 100 -13.09 5.47 6.96
C ALA A 100 -11.72 5.70 7.60
N VAL A 101 -10.62 5.48 6.88
CA VAL A 101 -9.31 5.58 7.52
C VAL A 101 -8.81 7.03 7.50
N ASN A 102 -7.77 7.29 8.29
CA ASN A 102 -7.16 8.60 8.38
C ASN A 102 -5.77 8.42 8.95
N PHE A 103 -4.74 8.62 8.11
CA PHE A 103 -3.36 8.47 8.55
C PHE A 103 -2.48 9.25 7.56
N PRO A 104 -1.35 9.81 8.01
CA PRO A 104 -0.61 10.74 7.12
C PRO A 104 -0.03 10.10 5.88
N PHE A 105 0.12 8.77 5.85
CA PHE A 105 0.70 8.07 4.71
C PHE A 105 -0.33 7.25 3.94
N LEU A 106 -1.62 7.51 4.16
CA LEU A 106 -2.70 6.85 3.43
C LEU A 106 -3.38 7.90 2.57
N VAL A 107 -3.53 7.60 1.28
CA VAL A 107 -4.13 8.60 0.40
C VAL A 107 -5.56 8.87 0.84
N LYS A 108 -6.00 10.12 0.64
CA LYS A 108 -7.31 10.58 1.10
C LYS A 108 -8.33 10.52 -0.03
N LEU A 109 -9.43 9.84 0.24
CA LEU A 109 -10.55 9.77 -0.69
C LEU A 109 -11.42 11.01 -0.48
N GLU A 110 -11.70 11.71 -1.57
CA GLU A 110 -12.48 12.94 -1.51
C GLU A 110 -13.90 12.78 -2.02
N PHE A 111 -14.10 12.01 -3.09
CA PHE A 111 -15.44 11.78 -3.60
C PHE A 111 -15.56 10.34 -4.07
N SER A 112 -16.79 9.84 -4.07
CA SER A 112 -17.14 8.51 -4.54
C SER A 112 -18.48 8.63 -5.26
N PHE A 113 -18.64 7.92 -6.37
CA PHE A 113 -19.93 7.85 -7.06
C PHE A 113 -19.87 6.78 -8.16
N LYS A 114 -21.02 6.55 -8.80
CA LYS A 114 -21.11 5.51 -9.82
C LYS A 114 -22.12 5.97 -10.87
N ASP A 115 -22.07 5.35 -12.03
CA ASP A 115 -23.07 5.61 -13.07
C ASP A 115 -23.45 4.29 -13.74
N ASN A 116 -24.02 4.37 -14.94
CA ASN A 116 -24.52 3.15 -15.57
C ASN A 116 -23.41 2.15 -15.83
N SER A 117 -22.20 2.63 -16.14
CA SER A 117 -21.14 1.73 -16.58
C SER A 117 -20.01 1.57 -15.57
N ASN A 118 -19.70 2.59 -14.77
CA ASN A 118 -18.47 2.60 -14.00
C ASN A 118 -18.69 2.93 -12.54
N LEU A 119 -17.67 2.63 -11.74
CA LEU A 119 -17.50 3.11 -10.39
C LEU A 119 -16.35 4.11 -10.38
N TYR A 120 -16.45 5.12 -9.52
CA TYR A 120 -15.47 6.20 -9.47
C TYR A 120 -15.04 6.46 -8.03
N MET A 121 -13.73 6.57 -7.83
CA MET A 121 -13.16 6.97 -6.55
C MET A 121 -12.19 8.11 -6.82
N VAL A 122 -12.49 9.27 -6.27
CA VAL A 122 -11.74 10.50 -6.52
C VAL A 122 -10.90 10.78 -5.29
N MET A 123 -9.57 10.75 -5.47
CA MET A 123 -8.59 10.83 -4.40
C MET A 123 -7.67 12.02 -4.60
N GLU A 124 -6.94 12.34 -3.53
CA GLU A 124 -5.84 13.29 -3.62
C GLU A 124 -4.87 12.88 -4.73
N TYR A 125 -4.47 13.87 -5.53
CA TYR A 125 -3.42 13.67 -6.52
C TYR A 125 -2.06 13.83 -5.85
N VAL A 126 -1.18 12.85 -6.06
CA VAL A 126 0.13 12.80 -5.41
C VAL A 126 1.18 12.96 -6.51
N PRO A 127 1.72 14.16 -6.72
CA PRO A 127 2.38 14.46 -8.01
C PRO A 127 3.81 13.94 -8.14
N GLY A 128 4.41 13.39 -7.10
CA GLY A 128 5.79 12.97 -7.20
C GLY A 128 6.03 11.67 -7.91
N GLY A 129 4.97 10.96 -8.29
CA GLY A 129 5.08 9.72 -9.01
C GLY A 129 5.17 8.51 -8.10
N GLU A 130 5.21 7.35 -8.74
CA GLU A 130 5.34 6.09 -8.02
C GLU A 130 6.77 5.83 -7.56
N MET A 131 6.90 5.26 -6.35
CA MET A 131 8.21 4.78 -5.92
C MET A 131 8.80 3.87 -6.98
N PHE A 132 7.95 3.05 -7.60
CA PHE A 132 8.39 2.09 -8.60
C PHE A 132 9.28 2.74 -9.67
N SER A 133 8.85 3.86 -10.26
N SER A 133 8.80 3.84 -10.28
CA SER A 133 9.63 4.41 -11.37
CA SER A 133 9.54 4.53 -11.32
C SER A 133 10.92 5.06 -10.87
C SER A 133 10.90 4.98 -10.81
N HIS A 134 10.90 5.70 -9.69
CA HIS A 134 12.15 6.24 -9.14
C HIS A 134 13.14 5.13 -8.83
N LEU A 135 12.64 4.02 -8.28
CA LEU A 135 13.51 2.89 -7.94
C LEU A 135 14.12 2.26 -9.19
N ARG A 136 13.29 2.03 -10.21
CA ARG A 136 13.82 1.45 -11.44
C ARG A 136 14.81 2.39 -12.12
N ARG A 137 14.59 3.72 -12.01
CA ARG A 137 15.49 4.67 -12.67
C ARG A 137 16.85 4.71 -11.99
N ILE A 138 16.89 4.72 -10.65
CA ILE A 138 18.15 4.84 -9.94
C ILE A 138 18.81 3.47 -9.72
N GLY A 139 18.04 2.39 -9.78
CA GLY A 139 18.58 1.07 -9.54
C GLY A 139 18.19 0.58 -8.17
N ARG A 140 18.82 1.13 -7.14
CA ARG A 140 18.49 0.76 -5.77
C ARG A 140 18.65 1.99 -4.89
N PHE A 141 17.97 1.95 -3.74
CA PHE A 141 18.07 2.98 -2.72
C PHE A 141 19.14 2.60 -1.72
N SER A 142 19.80 3.62 -1.15
CA SER A 142 20.71 3.37 -0.05
C SER A 142 19.93 2.84 1.16
N GLU A 143 20.64 2.20 2.10
CA GLU A 143 19.91 1.70 3.26
C GLU A 143 19.24 2.82 4.04
N PRO A 144 19.86 3.98 4.27
CA PRO A 144 19.12 5.05 4.97
C PRO A 144 17.87 5.48 4.23
N HIS A 145 17.96 5.55 2.89
N HIS A 145 17.91 5.53 2.90
CA HIS A 145 16.84 5.93 2.03
CA HIS A 145 16.75 5.97 2.15
C HIS A 145 15.71 4.91 2.15
C HIS A 145 15.66 4.90 2.14
N ALA A 146 16.05 3.63 1.97
CA ALA A 146 15.08 2.56 2.11
C ALA A 146 14.44 2.59 3.50
N ARG A 147 15.24 2.87 4.52
CA ARG A 147 14.77 2.85 5.91
C ARG A 147 13.74 3.94 6.14
N PHE A 148 13.97 5.12 5.57
CA PHE A 148 13.01 6.22 5.68
C PHE A 148 11.64 5.82 5.13
N TYR A 149 11.61 5.18 3.96
CA TYR A 149 10.34 4.73 3.41
C TYR A 149 9.76 3.57 4.22
N ALA A 150 10.62 2.62 4.62
CA ALA A 150 10.14 1.45 5.36
C ALA A 150 9.48 1.86 6.67
N ALA A 151 10.04 2.88 7.33
CA ALA A 151 9.49 3.30 8.61
C ALA A 151 8.05 3.78 8.45
N GLN A 152 7.78 4.46 7.33
CA GLN A 152 6.41 4.90 7.06
C GLN A 152 5.47 3.73 6.85
N ILE A 153 5.94 2.67 6.18
CA ILE A 153 5.09 1.50 6.01
C ILE A 153 4.86 0.78 7.34
N VAL A 154 5.88 0.68 8.17
CA VAL A 154 5.72 0.05 9.49
C VAL A 154 4.63 0.76 10.29
N LEU A 155 4.69 2.10 10.33
CA LEU A 155 3.68 2.85 11.07
C LEU A 155 2.29 2.70 10.44
N THR A 156 2.23 2.69 9.11
CA THR A 156 0.95 2.56 8.44
C THR A 156 0.32 1.20 8.71
N PHE A 157 1.12 0.13 8.68
CA PHE A 157 0.60 -1.19 9.01
C PHE A 157 0.26 -1.30 10.50
N GLU A 158 1.04 -0.68 11.39
CA GLU A 158 0.64 -0.68 12.78
C GLU A 158 -0.76 -0.07 12.94
N TYR A 159 -0.99 1.05 12.24
CA TYR A 159 -2.31 1.68 12.25
C TYR A 159 -3.38 0.75 11.67
N LEU A 160 -3.16 0.25 10.45
CA LEU A 160 -4.20 -0.54 9.80
C LEU A 160 -4.51 -1.79 10.61
N HIS A 161 -3.47 -2.49 11.09
CA HIS A 161 -3.71 -3.76 11.78
C HIS A 161 -4.44 -3.55 13.10
N SER A 162 -4.22 -2.40 13.75
CA SER A 162 -4.94 -2.08 14.98
C SER A 162 -6.44 -1.95 14.74
N LEU A 163 -6.84 -1.61 13.51
CA LEU A 163 -8.23 -1.53 13.08
C LEU A 163 -8.74 -2.84 12.51
N ASP A 164 -7.95 -3.93 12.62
CA ASP A 164 -8.25 -5.21 12.01
C ASP A 164 -8.31 -5.14 10.49
N LEU A 165 -7.54 -4.26 9.89
CA LEU A 165 -7.43 -4.15 8.44
C LEU A 165 -6.13 -4.77 7.96
N ILE A 166 -6.22 -5.63 6.98
CA ILE A 166 -5.06 -6.17 6.26
C ILE A 166 -4.98 -5.47 4.92
N TYR A 167 -3.76 -5.14 4.46
CA TYR A 167 -3.59 -4.37 3.24
C TYR A 167 -3.47 -5.24 1.99
N ARG A 168 -2.58 -6.23 2.03
CA ARG A 168 -2.49 -7.32 1.05
C ARG A 168 -2.02 -6.93 -0.37
N ASP A 169 -1.52 -5.72 -0.62
CA ASP A 169 -0.91 -5.47 -1.93
C ASP A 169 0.25 -4.47 -1.82
N LEU A 170 1.10 -4.64 -0.81
CA LEU A 170 2.30 -3.81 -0.74
C LEU A 170 3.24 -4.09 -1.91
N LYS A 171 3.69 -3.03 -2.58
CA LYS A 171 4.71 -3.09 -3.63
C LYS A 171 5.01 -1.64 -4.05
N PRO A 172 6.17 -1.40 -4.69
CA PRO A 172 6.52 0.00 -5.03
C PRO A 172 5.54 0.67 -5.98
N GLU A 173 4.85 -0.11 -6.82
CA GLU A 173 3.84 0.45 -7.71
C GLU A 173 2.73 1.18 -6.96
N ASN A 174 2.45 0.76 -5.73
CA ASN A 174 1.33 1.29 -4.96
C ASN A 174 1.74 2.38 -3.98
N LEU A 175 2.99 2.82 -4.03
CA LEU A 175 3.52 3.80 -3.07
C LEU A 175 3.86 5.06 -3.86
N LEU A 176 3.13 6.14 -3.62
CA LEU A 176 3.35 7.40 -4.31
C LEU A 176 4.19 8.33 -3.43
N ILE A 177 5.00 9.17 -4.05
CA ILE A 177 5.85 10.13 -3.36
C ILE A 177 5.20 11.50 -3.41
N ASP A 178 5.00 12.12 -2.26
CA ASP A 178 4.31 13.41 -2.21
C ASP A 178 5.31 14.56 -2.32
N GLN A 179 4.79 15.80 -2.30
CA GLN A 179 5.65 16.96 -2.53
C GLN A 179 6.71 17.14 -1.46
N GLN A 180 6.56 16.52 -0.30
CA GLN A 180 7.56 16.59 0.75
C GLN A 180 8.48 15.37 0.76
N GLY A 181 8.31 14.46 -0.20
CA GLY A 181 9.14 13.28 -0.26
C GLY A 181 8.66 12.13 0.59
N TYR A 182 7.48 12.24 1.19
CA TYR A 182 6.92 11.18 2.01
C TYR A 182 6.01 10.28 1.16
N ILE A 183 5.64 9.15 1.73
CA ILE A 183 4.88 8.11 1.03
C ILE A 183 3.40 8.32 1.22
N GLN A 184 2.65 8.07 0.15
CA GLN A 184 1.20 7.89 0.18
C GLN A 184 0.87 6.50 -0.35
N VAL A 185 0.28 5.66 0.49
CA VAL A 185 -0.17 4.34 0.07
C VAL A 185 -1.48 4.50 -0.66
N THR A 186 -1.58 3.87 -1.83
N THR A 186 -1.57 3.93 -1.86
CA THR A 186 -2.75 3.87 -2.67
CA THR A 186 -2.83 3.90 -2.60
C THR A 186 -3.19 2.43 -2.93
C THR A 186 -3.14 2.47 -3.01
N ASP A 187 -4.30 2.30 -3.63
CA ASP A 187 -4.82 1.03 -4.09
C ASP A 187 -5.17 0.12 -2.92
N PHE A 188 -6.38 0.32 -2.41
CA PHE A 188 -6.91 -0.52 -1.34
C PHE A 188 -7.81 -1.62 -1.88
N GLY A 189 -7.61 -1.99 -3.15
CA GLY A 189 -8.42 -3.01 -3.77
C GLY A 189 -8.36 -4.37 -3.12
N PHE A 190 -7.29 -4.64 -2.36
N PHE A 190 -7.32 -4.66 -2.34
CA PHE A 190 -7.12 -5.90 -1.67
CA PHE A 190 -7.31 -5.94 -1.64
C PHE A 190 -7.20 -5.77 -0.16
C PHE A 190 -7.41 -5.78 -0.14
N ALA A 191 -7.47 -4.56 0.35
CA ALA A 191 -7.62 -4.35 1.77
C ALA A 191 -8.92 -4.95 2.29
N LYS A 192 -8.88 -5.47 3.51
CA LYS A 192 -10.04 -6.15 4.07
C LYS A 192 -10.02 -6.06 5.59
N ARG A 193 -11.20 -5.91 6.17
CA ARG A 193 -11.34 -6.01 7.61
C ARG A 193 -11.48 -7.48 8.00
N VAL A 194 -10.54 -7.96 8.81
CA VAL A 194 -10.36 -9.36 9.13
C VAL A 194 -10.04 -9.46 10.62
N LYS A 195 -10.88 -10.16 11.39
CA LYS A 195 -10.61 -10.26 12.81
C LYS A 195 -9.60 -11.34 13.15
N GLY A 196 -9.59 -12.42 12.39
CA GLY A 196 -8.63 -13.50 12.56
C GLY A 196 -8.04 -13.94 11.24
N ARG A 197 -8.60 -14.99 10.62
CA ARG A 197 -8.09 -15.47 9.35
C ARG A 197 -8.98 -15.07 8.18
N THR A 198 -8.38 -15.10 6.99
CA THR A 198 -9.13 -14.96 5.75
C THR A 198 -8.50 -15.91 4.74
N TRP A 199 -9.20 -16.15 3.64
CA TRP A 199 -8.86 -17.26 2.74
C TRP A 199 -8.69 -16.89 1.25
N TPO A 200 -8.93 -15.65 0.83
CA TPO A 200 -8.85 -15.36 -0.60
CB TPO A 200 -9.40 -13.96 -0.90
CG2 TPO A 200 -9.54 -13.76 -2.41
OG1 TPO A 200 -10.70 -13.91 -0.32
P TPO A 200 -10.88 -12.78 0.80
O1P TPO A 200 -9.76 -13.04 1.86
O2P TPO A 200 -10.76 -11.43 0.19
O3P TPO A 200 -12.31 -13.09 1.41
C TPO A 200 -7.44 -15.47 -1.14
O TPO A 200 -6.52 -14.93 -0.56
H TPO A 200 -9.13 -14.99 1.34
HA TPO A 200 -9.41 -16.00 -1.08
HB TPO A 200 -8.75 -13.20 -0.47
HG21 TPO A 200 -9.95 -12.77 -2.61
HG22 TPO A 200 -10.23 -14.52 -2.82
HG23 TPO A 200 -8.57 -13.87 -2.89
N LEU A 201 -7.28 -16.14 -2.27
CA LEU A 201 -5.98 -16.20 -2.95
C LEU A 201 -5.78 -14.95 -3.79
N CYS A 202 -5.15 -13.92 -3.25
CA CYS A 202 -5.01 -12.67 -3.98
C CYS A 202 -3.71 -11.97 -3.55
N GLY A 203 -3.24 -11.11 -4.45
CA GLY A 203 -2.08 -10.28 -4.24
C GLY A 203 -1.22 -10.26 -5.49
N THR A 204 0.02 -9.82 -5.33
CA THR A 204 0.95 -9.78 -6.45
C THR A 204 2.01 -10.85 -6.27
N PRO A 205 2.27 -11.69 -7.27
CA PRO A 205 3.11 -12.89 -7.05
C PRO A 205 4.39 -12.67 -6.25
N GLU A 206 5.23 -11.69 -6.63
CA GLU A 206 6.50 -11.51 -5.95
C GLU A 206 6.36 -11.19 -4.47
N TYR A 207 5.21 -10.68 -4.05
CA TYR A 207 4.99 -10.18 -2.69
C TYR A 207 4.13 -11.12 -1.85
N LEU A 208 3.69 -12.25 -2.41
CA LEU A 208 2.84 -13.19 -1.68
C LEU A 208 3.59 -13.94 -0.60
N ALA A 209 3.01 -13.98 0.60
CA ALA A 209 3.52 -14.84 1.65
C ALA A 209 3.28 -16.31 1.31
N PRO A 210 4.12 -17.21 1.83
CA PRO A 210 3.98 -18.63 1.49
C PRO A 210 2.62 -19.18 1.89
N GLU A 211 2.05 -18.76 3.03
CA GLU A 211 0.77 -19.30 3.46
C GLU A 211 -0.34 -18.94 2.46
N ILE A 212 -0.23 -17.82 1.73
CA ILE A 212 -1.24 -17.54 0.71
C ILE A 212 -1.11 -18.54 -0.43
N ILE A 213 0.10 -18.69 -0.96
CA ILE A 213 0.37 -19.63 -2.05
C ILE A 213 -0.08 -21.04 -1.68
N LEU A 214 0.07 -21.42 -0.43
CA LEU A 214 -0.26 -22.78 0.02
C LEU A 214 -1.72 -22.94 0.39
N SER A 215 -2.58 -21.96 0.07
CA SER A 215 -4.02 -22.07 0.26
C SER A 215 -4.38 -22.33 1.72
N LYS A 216 -3.64 -21.69 2.61
CA LYS A 216 -3.91 -21.74 4.04
C LYS A 216 -4.69 -20.49 4.43
N GLY A 217 -5.57 -20.63 5.42
CA GLY A 217 -6.17 -19.48 6.05
C GLY A 217 -5.05 -18.67 6.65
N TYR A 218 -5.04 -17.37 6.42
CA TYR A 218 -3.89 -16.55 6.80
C TYR A 218 -4.39 -15.30 7.48
N ASN A 219 -3.43 -14.58 8.09
CA ASN A 219 -3.76 -13.41 8.88
C ASN A 219 -2.90 -12.21 8.48
N LYS A 220 -2.91 -11.17 9.34
CA LYS A 220 -2.23 -9.92 9.01
C LYS A 220 -0.73 -10.09 8.87
N ALA A 221 -0.17 -11.22 9.29
CA ALA A 221 1.25 -11.43 9.13
C ALA A 221 1.67 -11.48 7.67
N VAL A 222 0.73 -11.63 6.73
CA VAL A 222 1.14 -11.60 5.34
C VAL A 222 1.65 -10.21 4.96
N ASP A 223 1.18 -9.15 5.65
CA ASP A 223 1.66 -7.81 5.36
C ASP A 223 3.10 -7.64 5.84
N TRP A 224 3.46 -8.30 6.94
CA TRP A 224 4.83 -8.19 7.42
C TRP A 224 5.81 -8.95 6.53
N TRP A 225 5.42 -10.12 6.02
CA TRP A 225 6.20 -10.75 4.96
C TRP A 225 6.38 -9.80 3.79
N ALA A 226 5.29 -9.19 3.31
CA ALA A 226 5.42 -8.27 2.17
C ALA A 226 6.34 -7.10 2.48
N LEU A 227 6.36 -6.61 3.71
CA LEU A 227 7.31 -5.57 4.07
C LEU A 227 8.75 -6.03 3.87
N GLY A 228 9.02 -7.29 4.22
CA GLY A 228 10.34 -7.83 3.96
C GLY A 228 10.69 -7.82 2.48
N VAL A 229 9.75 -8.23 1.64
CA VAL A 229 9.96 -8.19 0.20
C VAL A 229 10.23 -6.77 -0.26
N LEU A 230 9.45 -5.80 0.25
CA LEU A 230 9.62 -4.39 -0.16
C LEU A 230 10.98 -3.84 0.24
N ILE A 231 11.37 -4.06 1.49
CA ILE A 231 12.67 -3.55 1.96
C ILE A 231 13.80 -4.16 1.12
N TYR A 232 13.75 -5.47 0.90
CA TYR A 232 14.73 -6.14 0.05
C TYR A 232 14.77 -5.49 -1.34
N GLU A 233 13.60 -5.29 -1.98
CA GLU A 233 13.60 -4.73 -3.32
C GLU A 233 14.10 -3.28 -3.34
N MET A 234 13.70 -2.48 -2.34
CA MET A 234 14.22 -1.11 -2.28
C MET A 234 15.74 -1.09 -2.17
N ALA A 235 16.31 -1.97 -1.33
CA ALA A 235 17.75 -1.93 -1.05
C ALA A 235 18.58 -2.68 -2.10
N ALA A 236 18.00 -3.65 -2.79
CA ALA A 236 18.71 -4.43 -3.81
C ALA A 236 18.47 -3.93 -5.22
N GLY A 237 17.25 -3.47 -5.48
CA GLY A 237 16.80 -3.10 -6.81
C GLY A 237 15.98 -4.16 -7.49
N TYR A 238 15.82 -5.33 -6.88
CA TYR A 238 15.03 -6.44 -7.39
C TYR A 238 14.53 -7.18 -6.17
N PRO A 239 13.41 -7.88 -6.26
CA PRO A 239 12.86 -8.57 -5.11
C PRO A 239 13.56 -9.89 -4.85
N PRO A 240 13.30 -10.50 -3.69
CA PRO A 240 14.06 -11.70 -3.27
C PRO A 240 13.66 -12.96 -4.00
N PHE A 241 12.46 -13.02 -4.55
CA PHE A 241 11.95 -14.20 -5.23
C PHE A 241 11.57 -13.72 -6.63
N PHE A 242 12.45 -14.00 -7.57
CA PHE A 242 12.58 -13.25 -8.83
C PHE A 242 12.68 -14.27 -9.95
N ALA A 243 11.66 -14.31 -10.82
CA ALA A 243 11.61 -15.26 -11.92
C ALA A 243 10.60 -14.75 -12.94
N ASP A 244 10.72 -15.22 -14.18
CA ASP A 244 9.91 -14.65 -15.25
C ASP A 244 8.44 -15.03 -15.12
N GLN A 245 8.13 -16.20 -14.55
CA GLN A 245 6.77 -16.72 -14.54
C GLN A 245 6.26 -16.90 -13.12
N PRO A 246 4.99 -16.56 -12.84
CA PRO A 246 4.49 -16.71 -11.47
C PRO A 246 4.71 -18.09 -10.85
N ILE A 247 4.53 -19.19 -11.58
CA ILE A 247 4.72 -20.49 -10.94
C ILE A 247 6.14 -20.65 -10.41
N GLN A 248 7.12 -20.08 -11.13
CA GLN A 248 8.51 -20.15 -10.68
C GLN A 248 8.74 -19.28 -9.45
N ILE A 249 8.07 -18.13 -9.41
CA ILE A 249 8.13 -17.25 -8.25
C ILE A 249 7.59 -17.98 -7.03
N TYR A 250 6.45 -18.65 -7.19
CA TYR A 250 5.82 -19.33 -6.07
C TYR A 250 6.74 -20.41 -5.49
N GLU A 251 7.41 -21.17 -6.36
CA GLU A 251 8.32 -22.21 -5.89
C GLU A 251 9.44 -21.63 -5.04
N LYS A 252 9.99 -20.47 -5.44
CA LYS A 252 11.06 -19.87 -4.64
C LYS A 252 10.53 -19.39 -3.29
N ILE A 253 9.32 -18.81 -3.26
CA ILE A 253 8.76 -18.27 -2.01
C ILE A 253 8.62 -19.38 -0.97
N VAL A 254 8.08 -20.54 -1.37
CA VAL A 254 7.77 -21.54 -0.38
C VAL A 254 9.00 -22.33 0.07
N SER A 255 10.11 -22.24 -0.65
CA SER A 255 11.31 -22.99 -0.31
C SER A 255 11.87 -22.62 1.06
N GLY A 256 11.68 -21.39 1.54
CA GLY A 256 12.35 -20.98 2.75
C GLY A 256 13.79 -20.56 2.58
N LYS A 257 14.22 -20.24 1.35
CA LYS A 257 15.58 -19.81 1.04
C LYS A 257 15.55 -18.38 0.52
N VAL A 258 16.48 -17.55 1.00
CA VAL A 258 16.71 -16.20 0.50
C VAL A 258 18.20 -15.94 0.45
N ARG A 259 18.66 -15.34 -0.65
CA ARG A 259 20.03 -14.90 -0.80
C ARG A 259 20.06 -13.38 -0.83
N PHE A 260 21.14 -12.79 -0.31
CA PHE A 260 21.24 -11.34 -0.16
C PHE A 260 22.42 -10.79 -0.94
N PRO A 261 22.30 -9.58 -1.51
CA PRO A 261 23.47 -8.94 -2.13
C PRO A 261 24.57 -8.76 -1.11
N SER A 262 25.82 -8.82 -1.59
CA SER A 262 26.96 -8.69 -0.70
C SER A 262 27.05 -7.31 -0.07
N HIS A 263 26.34 -6.31 -0.60
CA HIS A 263 26.39 -4.99 -0.01
C HIS A 263 25.35 -4.75 1.09
N PHE A 264 24.45 -5.70 1.34
CA PHE A 264 23.51 -5.59 2.45
C PHE A 264 24.27 -5.64 3.77
N SER A 265 23.95 -4.71 4.68
CA SER A 265 24.48 -4.77 6.02
C SER A 265 23.96 -6.00 6.75
N SER A 266 24.72 -6.44 7.75
CA SER A 266 24.29 -7.57 8.56
C SER A 266 23.01 -7.25 9.31
N ASP A 267 22.84 -6.00 9.76
CA ASP A 267 21.58 -5.64 10.41
C ASP A 267 20.41 -5.80 9.45
N LEU A 268 20.58 -5.38 8.20
CA LEU A 268 19.50 -5.51 7.23
C LEU A 268 19.18 -6.97 6.97
N LYS A 269 20.22 -7.81 6.80
CA LYS A 269 19.97 -9.21 6.54
C LYS A 269 19.26 -9.86 7.72
N ASP A 270 19.64 -9.52 8.96
CA ASP A 270 18.95 -10.06 10.12
C ASP A 270 17.47 -9.67 10.13
N LEU A 271 17.17 -8.39 9.89
CA LEU A 271 15.77 -7.98 9.85
C LEU A 271 15.01 -8.77 8.79
N LEU A 272 15.58 -8.88 7.59
CA LEU A 272 14.89 -9.53 6.48
C LEU A 272 14.70 -11.02 6.72
N ARG A 273 15.67 -11.69 7.37
CA ARG A 273 15.48 -13.11 7.68
C ARG A 273 14.32 -13.31 8.65
N ASN A 274 14.05 -12.32 9.49
CA ASN A 274 12.96 -12.43 10.46
C ASN A 274 11.62 -11.99 9.91
N LEU A 275 11.59 -11.17 8.86
CA LEU A 275 10.35 -10.84 8.15
C LEU A 275 10.01 -11.91 7.11
N LEU A 276 11.00 -12.34 6.34
CA LEU A 276 10.82 -13.36 5.31
C LEU A 276 10.97 -14.75 5.90
N GLN A 277 10.21 -14.95 6.96
CA GLN A 277 10.21 -16.17 7.77
C GLN A 277 8.97 -17.00 7.44
N VAL A 278 9.18 -18.18 6.87
N VAL A 278 9.19 -18.20 6.91
CA VAL A 278 8.07 -19.06 6.54
CA VAL A 278 8.07 -19.06 6.51
C VAL A 278 7.30 -19.43 7.80
C VAL A 278 7.34 -19.62 7.74
N ASP A 279 8.01 -19.75 8.87
CA ASP A 279 7.41 -20.27 10.10
C ASP A 279 6.69 -19.12 10.83
N LEU A 280 5.36 -19.18 10.87
CA LEU A 280 4.60 -18.07 11.46
C LEU A 280 4.82 -17.93 12.95
N THR A 281 5.24 -18.98 13.64
CA THR A 281 5.59 -18.84 15.06
C THR A 281 6.89 -18.07 15.26
N LYS A 282 7.60 -17.72 14.17
CA LYS A 282 8.86 -17.01 14.28
C LYS A 282 8.89 -15.68 13.52
N ARG A 283 7.84 -15.34 12.76
CA ARG A 283 7.91 -14.18 11.89
C ARG A 283 7.69 -12.89 12.68
N PHE A 284 8.61 -11.95 12.51
CA PHE A 284 8.46 -10.65 13.15
C PHE A 284 7.17 -10.00 12.72
N GLY A 285 6.52 -9.34 13.67
CA GLY A 285 5.20 -8.78 13.49
C GLY A 285 4.09 -9.71 13.94
N ASN A 286 4.40 -11.00 14.12
CA ASN A 286 3.43 -12.03 14.49
C ASN A 286 3.70 -12.64 15.85
N LEU A 287 4.62 -12.07 16.63
CA LEU A 287 5.03 -12.63 17.90
C LEU A 287 4.38 -11.87 19.05
N LYS A 288 4.73 -12.30 20.27
CA LYS A 288 4.12 -11.70 21.47
C LYS A 288 4.33 -10.19 21.50
N ASN A 289 5.51 -9.73 21.09
N ASN A 289 5.51 -9.73 21.11
CA ASN A 289 5.81 -8.31 21.14
CA ASN A 289 5.88 -8.32 21.13
C ASN A 289 5.35 -7.56 19.91
C ASN A 289 5.31 -7.55 19.94
N GLY A 290 4.66 -8.23 18.99
CA GLY A 290 4.00 -7.55 17.90
C GLY A 290 4.93 -6.67 17.08
N VAL A 291 4.44 -5.47 16.75
CA VAL A 291 5.19 -4.57 15.88
C VAL A 291 6.48 -4.11 16.56
N ASN A 292 6.57 -4.22 17.88
CA ASN A 292 7.74 -3.70 18.54
C ASN A 292 9.00 -4.51 18.22
N ASP A 293 8.86 -5.78 17.82
CA ASP A 293 10.05 -6.52 17.38
C ASP A 293 10.66 -5.86 16.15
N ILE A 294 9.83 -5.25 15.31
CA ILE A 294 10.34 -4.57 14.12
C ILE A 294 10.87 -3.19 14.50
N LYS A 295 10.08 -2.41 15.25
CA LYS A 295 10.45 -1.03 15.51
C LYS A 295 11.71 -0.94 16.35
N ASN A 296 12.00 -1.98 17.15
CA ASN A 296 13.15 -1.98 18.04
C ASN A 296 14.33 -2.74 17.47
N HIS A 297 14.22 -3.25 16.25
CA HIS A 297 15.33 -3.92 15.61
C HIS A 297 16.49 -2.96 15.36
N LYS A 298 17.71 -3.51 15.45
CA LYS A 298 18.92 -2.74 15.21
C LYS A 298 18.89 -1.93 13.92
N TRP A 299 18.31 -2.48 12.84
CA TRP A 299 18.35 -1.74 11.58
C TRP A 299 17.57 -0.43 11.67
N PHE A 300 16.62 -0.32 12.58
CA PHE A 300 15.83 0.89 12.80
C PHE A 300 16.32 1.71 13.98
N ALA A 301 17.54 1.44 14.47
CA ALA A 301 17.99 2.11 15.69
C ALA A 301 18.04 3.63 15.53
N THR A 302 18.35 4.13 14.34
CA THR A 302 18.42 5.56 14.11
C THR A 302 17.08 6.20 13.79
N THR A 303 16.01 5.42 13.74
CA THR A 303 14.70 5.93 13.32
C THR A 303 14.00 6.57 14.50
N ASP A 304 13.64 7.84 14.35
CA ASP A 304 12.81 8.55 15.32
C ASP A 304 11.38 8.38 14.85
N TRP A 305 10.69 7.40 15.44
CA TRP A 305 9.36 7.04 14.96
C TRP A 305 8.38 8.19 15.05
N ILE A 306 8.38 8.95 16.16
CA ILE A 306 7.45 10.09 16.26
C ILE A 306 7.77 11.13 15.21
N ALA A 307 9.05 11.39 14.97
CA ALA A 307 9.42 12.40 13.98
C ALA A 307 8.99 11.98 12.58
N ILE A 308 9.04 10.69 12.27
CA ILE A 308 8.55 10.23 10.97
C ILE A 308 7.05 10.49 10.86
N TYR A 309 6.31 10.10 11.89
CA TYR A 309 4.88 10.34 11.89
C TYR A 309 4.55 11.82 11.70
N GLN A 310 5.29 12.71 12.38
CA GLN A 310 5.07 14.14 12.27
C GLN A 310 5.66 14.73 10.99
N ARG A 311 6.33 13.92 10.18
N ARG A 311 6.32 13.92 10.18
CA ARG A 311 6.86 14.36 8.89
CA ARG A 311 6.86 14.36 8.89
C ARG A 311 7.95 15.42 9.08
C ARG A 311 7.91 15.45 9.10
N LYS A 312 8.69 15.31 10.16
CA LYS A 312 9.74 16.27 10.49
C LYS A 312 11.14 15.79 10.14
N VAL A 313 11.27 14.58 9.59
CA VAL A 313 12.56 14.08 9.10
C VAL A 313 12.77 14.56 7.68
N GLU A 314 13.98 15.02 7.37
CA GLU A 314 14.29 15.44 6.02
C GLU A 314 14.22 14.25 5.09
N ALA A 315 13.41 14.37 4.03
CA ALA A 315 13.27 13.28 3.08
C ALA A 315 14.55 13.12 2.26
N PRO A 316 14.83 11.90 1.79
CA PRO A 316 16.04 11.71 0.98
C PRO A 316 15.90 12.28 -0.42
N PHE A 317 14.67 12.57 -0.84
CA PHE A 317 14.39 12.92 -2.22
C PHE A 317 13.11 13.75 -2.24
N ILE A 318 13.17 14.95 -2.80
CA ILE A 318 12.01 15.82 -2.99
C ILE A 318 11.70 15.83 -4.49
N PRO A 319 10.53 15.37 -4.93
CA PRO A 319 10.23 15.39 -6.37
C PRO A 319 10.20 16.81 -6.91
N LYS A 320 10.56 16.93 -8.19
CA LYS A 320 10.40 18.19 -8.90
C LYS A 320 8.94 18.34 -9.32
N PHE A 321 8.36 19.50 -9.05
CA PHE A 321 6.97 19.75 -9.38
C PHE A 321 6.88 21.16 -9.96
N LYS A 322 6.35 21.27 -11.18
CA LYS A 322 6.32 22.53 -11.90
C LYS A 322 5.03 23.30 -11.70
N GLY A 323 4.12 22.81 -10.88
CA GLY A 323 2.87 23.47 -10.62
C GLY A 323 1.73 22.47 -10.52
N PRO A 324 0.55 22.93 -10.08
CA PRO A 324 -0.59 22.02 -10.01
C PRO A 324 -0.89 21.41 -11.37
N GLY A 325 -1.26 20.13 -11.36
CA GLY A 325 -1.58 19.42 -12.58
C GLY A 325 -0.39 18.88 -13.35
N ASP A 326 0.84 19.19 -12.95
CA ASP A 326 2.02 18.68 -13.62
C ASP A 326 2.10 17.16 -13.49
N THR A 327 2.29 16.46 -14.61
CA THR A 327 2.35 15.00 -14.61
C THR A 327 3.72 14.47 -15.02
N SER A 328 4.76 15.29 -14.90
N SER A 328 4.76 15.31 -14.91
CA SER A 328 6.08 14.93 -15.42
CA SER A 328 6.09 14.93 -15.40
C SER A 328 6.70 13.74 -14.69
C SER A 328 6.61 13.65 -14.74
N ASN A 329 6.22 13.39 -13.50
CA ASN A 329 6.79 12.27 -12.75
C ASN A 329 6.07 10.94 -13.01
N PHE A 330 5.16 10.90 -13.97
CA PHE A 330 4.42 9.69 -14.33
C PHE A 330 4.73 9.28 -15.76
N ASP A 331 4.69 7.97 -15.98
CA ASP A 331 4.86 7.41 -17.31
C ASP A 331 3.59 7.65 -18.13
N ASP A 332 3.71 7.53 -19.45
CA ASP A 332 2.58 7.72 -20.33
C ASP A 332 1.85 6.40 -20.58
N TYR A 333 0.54 6.51 -20.83
CA TYR A 333 -0.31 5.35 -21.07
C TYR A 333 -1.23 5.66 -22.24
N GLU A 334 -1.70 4.61 -22.89
CA GLU A 334 -2.66 4.78 -23.97
C GLU A 334 -3.98 5.33 -23.41
N GLU A 335 -4.50 6.36 -24.07
CA GLU A 335 -5.74 6.98 -23.63
C GLU A 335 -6.92 6.34 -24.34
N GLU A 336 -7.97 6.06 -23.57
CA GLU A 336 -9.20 5.48 -24.10
C GLU A 336 -10.37 6.27 -23.57
N GLU A 337 -11.22 6.75 -24.47
CA GLU A 337 -12.35 7.59 -24.08
C GLU A 337 -13.23 6.85 -23.07
N ILE A 338 -13.79 7.60 -22.15
CA ILE A 338 -14.66 7.06 -21.11
C ILE A 338 -16.08 7.04 -21.66
N ARG A 339 -16.67 5.85 -21.74
CA ARG A 339 -18.01 5.67 -22.31
C ARG A 339 -18.98 5.28 -21.21
N VAL A 340 -20.14 5.93 -21.20
CA VAL A 340 -21.19 5.63 -20.22
C VAL A 340 -22.45 5.15 -20.96
N SEP A 341 -22.75 3.87 -20.78
CA SEP A 341 -23.86 3.23 -21.48
CB SEP A 341 -23.89 1.74 -21.14
OG SEP A 341 -25.12 1.17 -21.53
C SEP A 341 -25.19 3.86 -21.12
O SEP A 341 -25.34 4.49 -20.07
P SEP A 341 -25.13 0.72 -23.07
O1P SEP A 341 -23.69 0.16 -23.52
O2P SEP A 341 -25.56 1.99 -23.97
O3P SEP A 341 -26.21 -0.47 -23.17
H SEP A 341 -22.32 3.35 -20.25
HA SEP A 341 -23.73 3.32 -22.45
HB2 SEP A 341 -23.79 1.64 -20.18
HB3 SEP A 341 -23.17 1.29 -21.60
N ILE A 342 -26.16 3.71 -22.02
CA ILE A 342 -27.49 4.24 -21.82
C ILE A 342 -28.25 3.41 -20.79
N ASN A 343 -27.78 2.20 -20.56
CA ASN A 343 -28.44 1.24 -19.67
C ASN A 343 -27.57 0.96 -18.47
N GLU A 344 -28.21 0.89 -17.30
CA GLU A 344 -27.47 0.58 -16.08
C GLU A 344 -26.95 -0.85 -16.13
N LYS A 345 -25.66 -1.02 -15.88
CA LYS A 345 -25.04 -2.33 -15.84
C LYS A 345 -24.78 -2.74 -14.40
N CYS A 346 -24.99 -4.02 -14.10
CA CYS A 346 -24.62 -4.63 -12.81
C CYS A 346 -25.13 -3.79 -11.64
N GLY A 347 -26.38 -3.35 -11.73
CA GLY A 347 -26.92 -2.48 -10.69
C GLY A 347 -27.01 -3.16 -9.33
N LYS A 348 -27.46 -4.42 -9.32
CA LYS A 348 -27.68 -5.12 -8.06
C LYS A 348 -26.34 -5.44 -7.39
N GLU A 349 -25.31 -5.78 -8.17
CA GLU A 349 -24.03 -6.17 -7.61
C GLU A 349 -23.37 -5.03 -6.85
N PHE A 350 -23.64 -3.78 -7.23
CA PHE A 350 -22.94 -2.64 -6.65
C PHE A 350 -23.89 -1.68 -5.94
N THR A 351 -25.01 -2.21 -5.43
CA THR A 351 -25.96 -1.39 -4.69
C THR A 351 -25.26 -0.61 -3.59
N GLU A 352 -24.41 -1.28 -2.80
CA GLU A 352 -23.81 -0.67 -1.63
C GLU A 352 -22.76 0.38 -1.96
N PHE A 353 -22.31 0.46 -3.21
CA PHE A 353 -21.21 1.37 -3.54
C PHE A 353 -21.69 2.81 -3.60
N ALA B 3 17.06 -13.92 -13.75
CA ALA B 3 16.12 -13.20 -14.60
C ALA B 3 14.75 -13.13 -13.94
N GLY B 4 14.02 -12.04 -14.19
CA GLY B 4 12.71 -11.87 -13.59
C GLY B 4 12.03 -10.62 -14.12
N ARG B 5 10.88 -10.30 -13.53
CA ARG B 5 10.00 -9.27 -14.09
C ARG B 5 10.45 -7.88 -13.65
N THR B 6 10.74 -7.01 -14.60
CA THR B 6 11.23 -5.67 -14.28
C THR B 6 10.19 -4.59 -14.46
N GLY B 7 9.11 -4.86 -15.18
CA GLY B 7 8.05 -3.89 -15.36
C GLY B 7 7.00 -3.94 -14.27
N ARG B 8 5.98 -3.09 -14.42
CA ARG B 8 4.94 -3.06 -13.41
C ARG B 8 4.22 -4.40 -13.33
N ARG B 9 3.89 -4.80 -12.10
CA ARG B 9 3.35 -6.12 -11.80
C ARG B 9 1.87 -6.00 -11.42
N GLN B 10 1.03 -6.75 -12.11
CA GLN B 10 -0.40 -6.71 -11.87
C GLN B 10 -0.75 -7.63 -10.71
N ALA B 11 -1.63 -7.15 -9.82
CA ALA B 11 -2.09 -8.05 -8.78
C ALA B 11 -3.12 -9.01 -9.36
N ILE B 12 -3.29 -10.14 -8.69
CA ILE B 12 -4.21 -11.19 -9.14
C ILE B 12 -5.30 -11.36 -8.10
N HIS B 13 -6.55 -11.42 -8.54
CA HIS B 13 -7.64 -11.55 -7.59
C HIS B 13 -7.93 -13.00 -7.21
N ASP B 14 -7.49 -13.97 -8.02
CA ASP B 14 -7.62 -15.38 -7.68
C ASP B 14 -6.44 -16.18 -8.25
N ILE B 15 -6.13 -17.29 -7.59
CA ILE B 15 -5.18 -18.27 -8.12
C ILE B 15 -3.82 -17.65 -8.38
C4 E9Q C . -2.12 5.21 -9.72
C5 E9Q C . -3.13 8.08 -7.34
C6 E9Q C . -2.50 9.35 -7.54
N1 E9Q C . -3.68 5.87 -7.42
C7 E9Q C . -4.04 7.82 -6.32
N2 E9Q C . -2.14 6.52 -9.06
N3 E9Q C . -2.02 10.39 -7.62
N4 E9Q C . -4.48 8.61 -5.36
N E9Q C . -4.34 6.52 -6.41
C E9Q C . -2.95 6.80 -7.98
C3 E9Q C . -1.28 5.44 -10.95
C2 E9Q C . -0.39 6.59 -10.60
C1 E9Q C . -1.28 7.48 -9.74
H2 E9Q C . -3.15 4.90 -9.93
H1 E9Q C . -1.71 4.43 -9.08
H4 E9Q C . -4.13 9.58 -5.32
H5 E9Q C . -5.14 8.33 -4.66
H E9Q C . -4.98 5.97 -5.84
H7 E9Q C . -0.69 4.55 -11.20
H6 E9Q C . -1.89 5.63 -11.84
H8 E9Q C . 0.51 6.28 -10.07
H9 E9Q C . -0.03 7.11 -11.49
H10 E9Q C . -0.70 8.12 -9.08
H11 E9Q C . -1.88 8.16 -10.34
C1 MPD D . 3.76 7.19 15.36
C2 MPD D . 2.50 6.96 16.19
O2 MPD D . 2.88 6.22 17.37
CM MPD D . 1.90 8.29 16.67
C3 MPD D . 1.45 6.16 15.42
C4 MPD D . 1.87 4.71 15.17
O4 MPD D . 1.59 3.91 16.30
C5 MPD D . 1.16 4.09 13.96
H11 MPD D . 3.64 6.72 14.39
H12 MPD D . 3.92 8.26 15.24
H13 MPD D . 4.61 6.75 15.88
HO2 MPD D . 2.39 5.37 17.40
HM1 MPD D . 0.86 8.36 16.35
HM2 MPD D . 1.96 8.34 17.76
HM3 MPD D . 2.47 9.12 16.25
H31 MPD D . 1.26 6.64 14.47
H32 MPD D . 0.52 6.17 15.99
H4 MPD D . 2.93 4.69 14.98
HO4 MPD D . 2.38 3.39 16.54
H51 MPD D . 0.62 3.19 14.27
H52 MPD D . 0.46 4.81 13.55
H53 MPD D . 1.90 3.82 13.20
#